data_4BSK
#
_entry.id   4BSK
#
_cell.length_a   166.660
_cell.length_b   166.660
_cell.length_c   166.660
_cell.angle_alpha   90.00
_cell.angle_beta   90.00
_cell.angle_gamma   90.00
#
_symmetry.space_group_name_H-M   'I 2 3'
#
loop_
_entity.id
_entity.type
_entity.pdbx_description
1 polymer 'VASCULAR ENDOTHELIAL GROWTH FACTOR RECEPTOR 3'
2 polymer 'VASCULAR ENDOTHELIAL GROWTH FACTOR C'
3 branched 2-acetamido-2-deoxy-beta-D-glucopyranose-(1-4)-2-acetamido-2-deoxy-beta-D-glucopyranose
4 non-polymer 2-acetamido-2-deoxy-beta-D-glucopyranose
#
loop_
_entity_poly.entity_id
_entity_poly.type
_entity_poly.pdbx_seq_one_letter_code
_entity_poly.pdbx_strand_id
1 'polypeptide(L)'
;SGYSMTPPTLNITEESHVIDTGDSLSISCRGQHPLEWAWPGAQEAPATGDKDSEDTGVVRDCEGTDARPYCKVLLLHEVH
ANDTGSYVCYYKYIKARIEGTTAASSYVFVRDFEQPFINKPDTLLVNRKDAMWVPCLVSIPGLNVTLRSQSSVLWPDGQE
VVWDDRRGMLVSTPLLHDALYLQCETTWGDQDFLSNPFLVHITGNELADPIEGR
;
A
2 'polypeptide(L)'
;DPTEETIKFAAAHYNTEILKSIDNEWRKTQCMPREVAIDVGKEFGVATNTFFKPPCVSVYRCGGCCNSEGLQCMNTSTSY
LSKTLFEITVPLSQGPKPVTISFANHTSCRCMSKLHHHHHH
;
C
#
# COMPACT_ATOMS: atom_id res chain seq x y z
N THR A 6 17.71 -35.03 -17.42
CA THR A 6 18.32 -33.99 -16.59
C THR A 6 17.43 -33.45 -15.45
N PRO A 7 16.17 -33.09 -15.74
CA PRO A 7 15.35 -32.56 -14.64
C PRO A 7 14.85 -33.62 -13.67
N PRO A 8 14.94 -33.35 -12.35
CA PRO A 8 14.43 -34.22 -11.28
C PRO A 8 12.92 -34.17 -11.14
N THR A 9 12.37 -35.03 -10.27
CA THR A 9 10.93 -35.12 -10.07
C THR A 9 10.59 -35.44 -8.61
N LEU A 10 9.42 -35.04 -8.17
CA LEU A 10 8.99 -35.24 -6.78
C LEU A 10 8.12 -36.49 -6.62
N ASN A 11 7.74 -36.76 -5.37
CA ASN A 11 6.83 -37.88 -5.06
C ASN A 11 5.38 -37.45 -5.26
N ILE A 12 5.20 -36.19 -5.62
CA ILE A 12 3.87 -35.63 -5.85
C ILE A 12 3.89 -34.64 -7.01
N THR A 13 3.50 -35.11 -8.19
CA THR A 13 3.57 -34.31 -9.40
C THR A 13 2.43 -33.30 -9.51
N GLU A 14 2.44 -32.30 -8.63
CA GLU A 14 1.47 -31.22 -8.68
C GLU A 14 2.14 -29.87 -8.39
N GLU A 15 1.65 -28.81 -9.02
CA GLU A 15 2.22 -27.48 -8.85
C GLU A 15 1.55 -26.73 -7.70
N SER A 16 0.53 -27.35 -7.11
CA SER A 16 -0.23 -26.72 -6.04
C SER A 16 -0.89 -27.76 -5.14
N HIS A 17 -0.40 -27.88 -3.92
CA HIS A 17 -0.93 -28.83 -2.96
C HIS A 17 -1.74 -28.14 -1.87
N VAL A 18 -2.90 -28.71 -1.55
CA VAL A 18 -3.75 -28.17 -0.49
C VAL A 18 -3.59 -28.99 0.79
N ILE A 19 -2.94 -28.38 1.78
CA ILE A 19 -2.68 -29.05 3.05
C ILE A 19 -3.34 -28.28 4.19
N ASP A 20 -3.70 -28.97 5.26
CA ASP A 20 -4.19 -28.30 6.47
C ASP A 20 -3.04 -28.12 7.45
N THR A 21 -3.20 -27.19 8.40
CA THR A 21 -2.16 -26.96 9.40
C THR A 21 -2.09 -28.08 10.40
N GLY A 22 -0.94 -28.22 11.06
CA GLY A 22 -0.74 -29.26 12.05
C GLY A 22 -0.70 -30.65 11.46
N ASP A 23 -0.70 -30.73 10.13
CA ASP A 23 -0.66 -32.00 9.43
C ASP A 23 0.77 -32.34 9.01
N SER A 24 1.19 -33.56 9.29
CA SER A 24 2.52 -34.01 8.93
C SER A 24 2.65 -34.16 7.42
N LEU A 25 3.70 -33.56 6.86
CA LEU A 25 3.91 -33.62 5.41
C LEU A 25 5.29 -34.16 5.06
N SER A 26 5.33 -35.16 4.18
CA SER A 26 6.58 -35.79 3.79
C SER A 26 6.58 -36.23 2.32
N ILE A 27 7.49 -35.65 1.53
CA ILE A 27 7.55 -35.92 0.10
C ILE A 27 8.95 -36.35 -0.34
N SER A 28 9.00 -37.27 -1.31
CA SER A 28 10.27 -37.78 -1.82
C SER A 28 10.63 -37.22 -3.20
N CYS A 29 11.61 -36.31 -3.23
CA CYS A 29 12.17 -35.85 -4.49
C CYS A 29 13.28 -36.79 -4.91
N ARG A 30 13.08 -37.48 -6.03
CA ARG A 30 14.02 -38.51 -6.48
C ARG A 30 14.29 -38.43 -7.97
N GLY A 31 15.52 -38.05 -8.33
CA GLY A 31 15.88 -37.93 -9.73
C GLY A 31 17.36 -37.78 -10.01
N GLN A 32 17.99 -38.88 -10.41
CA GLN A 32 19.36 -38.90 -10.93
C GLN A 32 20.45 -38.50 -9.92
N HIS A 33 21.00 -37.30 -10.11
CA HIS A 33 22.14 -36.82 -9.33
C HIS A 33 21.84 -36.66 -7.85
N PRO A 34 22.89 -36.47 -7.01
CA PRO A 34 22.66 -36.08 -5.61
C PRO A 34 21.85 -34.80 -5.52
N LEU A 35 20.74 -34.84 -4.79
CA LEU A 35 19.82 -33.70 -4.73
C LEU A 35 19.76 -33.05 -3.35
N GLU A 36 19.11 -31.89 -3.29
CA GLU A 36 18.91 -31.16 -2.05
C GLU A 36 17.69 -30.27 -2.14
N TRP A 37 16.81 -30.35 -1.14
CA TRP A 37 15.60 -29.54 -1.10
C TRP A 37 15.90 -28.07 -0.86
N ALA A 38 14.89 -27.23 -1.07
CA ALA A 38 15.02 -25.80 -0.82
C ALA A 38 13.82 -25.28 -0.03
N TRP A 39 13.32 -26.12 0.88
CA TRP A 39 12.20 -25.75 1.74
C TRP A 39 12.54 -24.55 2.62
N PRO A 40 11.68 -23.53 2.61
CA PRO A 40 11.89 -22.25 3.28
C PRO A 40 12.13 -22.34 4.79
N GLY A 41 13.40 -22.24 5.19
CA GLY A 41 13.74 -22.02 6.58
C GLY A 41 14.03 -23.22 7.45
N ALA A 42 13.62 -23.10 8.71
CA ALA A 42 13.93 -24.07 9.76
C ALA A 42 13.03 -23.75 10.95
N GLN A 43 12.75 -24.72 11.83
CA GLN A 43 13.26 -26.08 11.74
C GLN A 43 12.17 -27.08 12.10
N GLU A 44 12.46 -27.92 13.10
CA GLU A 44 11.54 -28.97 13.55
C GLU A 44 11.14 -29.93 12.42
N ALA A 45 11.94 -29.94 11.35
CA ALA A 45 11.67 -30.77 10.19
C ALA A 45 12.92 -31.55 9.80
N PRO A 46 12.88 -32.87 10.01
CA PRO A 46 14.03 -33.76 9.75
C PRO A 46 14.44 -33.79 8.29
N ALA A 47 15.70 -33.48 8.03
CA ALA A 47 16.24 -33.51 6.67
C ALA A 47 17.13 -34.74 6.48
N THR A 48 16.59 -35.76 5.83
CA THR A 48 17.33 -37.00 5.60
C THR A 48 17.30 -37.39 4.12
N GLY A 49 18.48 -37.60 3.55
CA GLY A 49 18.60 -37.99 2.16
C GLY A 49 18.66 -39.50 2.00
N ASP A 50 17.51 -40.12 1.83
CA ASP A 50 17.43 -41.58 1.72
C ASP A 50 17.41 -42.04 0.27
N LYS A 51 18.43 -42.81 -0.11
CA LYS A 51 18.51 -43.38 -1.45
C LYS A 51 17.47 -44.47 -1.63
N ASP A 52 17.16 -44.81 -2.88
CA ASP A 52 16.10 -45.78 -3.16
C ASP A 52 16.36 -46.62 -4.41
N SER A 53 17.19 -46.10 -5.31
CA SER A 53 17.53 -46.77 -6.58
C SER A 53 16.33 -46.94 -7.52
N GLU A 54 15.45 -47.88 -7.19
CA GLU A 54 14.29 -48.21 -8.02
C GLU A 54 14.70 -48.65 -9.43
N ARG A 68 15.41 -45.89 -10.75
CA ARG A 68 16.56 -45.60 -11.58
C ARG A 68 17.13 -44.22 -11.25
N PRO A 69 17.22 -43.91 -9.94
CA PRO A 69 17.69 -42.59 -9.49
C PRO A 69 18.02 -42.55 -8.01
N TYR A 70 18.77 -41.53 -7.59
CA TYR A 70 19.06 -41.30 -6.18
C TYR A 70 17.93 -40.48 -5.57
N CYS A 71 17.44 -40.92 -4.41
CA CYS A 71 16.28 -40.29 -3.79
C CYS A 71 16.64 -39.41 -2.58
N LYS A 72 15.74 -38.50 -2.26
CA LYS A 72 15.90 -37.62 -1.10
C LYS A 72 14.53 -37.23 -0.55
N VAL A 73 14.28 -37.51 0.72
CA VAL A 73 12.98 -37.23 1.31
C VAL A 73 13.01 -36.03 2.26
N LEU A 74 11.94 -35.23 2.21
CA LEU A 74 11.79 -34.12 3.14
C LEU A 74 10.52 -34.34 3.96
N LEU A 75 10.67 -34.25 5.28
CA LEU A 75 9.55 -34.49 6.19
C LEU A 75 9.40 -33.39 7.22
N LEU A 76 8.18 -33.21 7.72
CA LEU A 76 7.88 -32.18 8.70
C LEU A 76 6.64 -32.54 9.51
N HIS A 77 6.80 -32.59 10.83
CA HIS A 77 5.72 -32.96 11.73
C HIS A 77 4.83 -31.78 12.08
N GLU A 78 5.43 -30.74 12.65
CA GLU A 78 4.68 -29.55 13.07
C GLU A 78 4.66 -28.48 11.98
N VAL A 79 3.59 -28.42 11.26
CA VAL A 79 3.43 -27.45 10.18
C VAL A 79 2.21 -26.59 10.40
N HIS A 80 2.48 -25.27 10.52
CA HIS A 80 1.43 -24.28 10.73
C HIS A 80 1.44 -23.24 9.61
N ALA A 81 1.13 -21.99 9.96
CA ALA A 81 1.09 -20.90 9.01
C ALA A 81 2.49 -20.47 8.58
N ASN A 82 3.38 -20.28 9.56
CA ASN A 82 4.73 -19.82 9.26
C ASN A 82 5.59 -20.87 8.56
N ASP A 83 4.93 -21.79 7.84
CA ASP A 83 5.63 -22.84 7.12
C ASP A 83 5.09 -22.99 5.69
N THR A 84 3.98 -22.34 5.39
CA THR A 84 3.40 -22.31 4.04
C THR A 84 4.34 -21.64 3.06
N GLY A 85 4.52 -22.23 1.89
CA GLY A 85 5.36 -21.61 0.87
C GLY A 85 5.66 -22.45 -0.35
N SER A 86 6.73 -22.08 -1.04
CA SER A 86 7.16 -22.78 -2.25
C SER A 86 8.24 -23.80 -1.89
N TYR A 87 8.22 -24.94 -2.59
CA TYR A 87 9.16 -26.01 -2.32
C TYR A 87 9.77 -26.54 -3.60
N VAL A 88 11.09 -26.35 -3.74
CA VAL A 88 11.80 -26.70 -4.96
C VAL A 88 12.91 -27.69 -4.67
N CYS A 89 13.11 -28.63 -5.59
CA CYS A 89 14.14 -29.66 -5.44
C CYS A 89 15.10 -29.60 -6.64
N TYR A 90 16.07 -28.69 -6.57
CA TYR A 90 16.99 -28.48 -7.68
C TYR A 90 18.28 -29.29 -7.52
N TYR A 91 18.73 -29.88 -8.62
CA TYR A 91 19.99 -30.60 -8.64
C TYR A 91 21.14 -29.61 -8.49
N THR A 102 15.75 -26.72 -15.50
CA THR A 102 15.67 -28.15 -15.21
C THR A 102 15.35 -28.40 -13.74
N ALA A 103 14.99 -27.34 -13.03
CA ALA A 103 14.60 -27.48 -11.62
C ALA A 103 13.21 -28.09 -11.50
N ALA A 104 12.83 -28.46 -10.29
CA ALA A 104 11.52 -29.07 -10.06
C ALA A 104 10.77 -28.35 -8.94
N SER A 105 9.80 -27.53 -9.31
CA SER A 105 9.09 -26.68 -8.36
C SER A 105 7.69 -27.20 -8.02
N SER A 106 7.29 -26.99 -6.76
CA SER A 106 5.94 -27.33 -6.32
C SER A 106 5.53 -26.44 -5.15
N TYR A 107 4.38 -25.78 -5.27
CA TYR A 107 3.89 -24.88 -4.23
C TYR A 107 2.92 -25.60 -3.30
N VAL A 108 3.00 -25.30 -2.01
CA VAL A 108 2.14 -25.95 -1.01
C VAL A 108 1.47 -24.93 -0.09
N PHE A 109 0.13 -24.93 -0.09
CA PHE A 109 -0.63 -24.03 0.76
C PHE A 109 -1.08 -24.73 2.05
N VAL A 110 -0.60 -24.25 3.18
CA VAL A 110 -0.96 -24.83 4.48
C VAL A 110 -2.01 -23.98 5.20
N ARG A 111 -3.25 -24.48 5.20
CA ARG A 111 -4.39 -23.77 5.74
C ARG A 111 -4.36 -23.66 7.26
N ASP A 112 -4.38 -22.43 7.76
CA ASP A 112 -4.47 -22.18 9.19
C ASP A 112 -5.71 -21.36 9.50
N PHE A 113 -6.19 -21.44 10.74
CA PHE A 113 -7.42 -20.77 11.13
C PHE A 113 -7.17 -19.55 12.01
N GLU A 114 -6.15 -19.63 12.85
CA GLU A 114 -5.82 -18.53 13.76
C GLU A 114 -5.20 -17.35 13.03
N GLN A 115 -4.13 -17.62 12.28
CA GLN A 115 -3.45 -16.58 11.51
C GLN A 115 -3.46 -16.92 10.03
N PRO A 116 -4.57 -16.61 9.34
CA PRO A 116 -4.70 -16.89 7.90
C PRO A 116 -3.87 -15.93 7.05
N PHE A 117 -3.39 -14.85 7.66
CA PHE A 117 -2.67 -13.84 6.92
C PHE A 117 -1.23 -13.68 7.38
N ILE A 118 -0.32 -13.57 6.42
CA ILE A 118 1.08 -13.29 6.71
C ILE A 118 1.52 -11.96 6.12
N ASN A 119 1.96 -11.07 7.00
CA ASN A 119 2.40 -9.74 6.62
C ASN A 119 3.88 -9.76 6.28
N LYS A 120 4.43 -8.61 5.93
CA LYS A 120 5.88 -8.49 5.80
C LYS A 120 6.57 -8.69 7.16
N PRO A 121 6.14 -7.97 8.22
CA PRO A 121 5.24 -6.81 8.32
C PRO A 121 6.04 -5.52 8.20
N ASP A 122 5.39 -4.45 7.74
CA ASP A 122 6.03 -3.15 7.59
C ASP A 122 7.27 -3.20 6.69
N THR A 123 7.09 -3.71 5.48
CA THR A 123 8.13 -3.67 4.46
C THR A 123 7.52 -3.46 3.08
N LEU A 124 7.67 -2.25 2.55
CA LEU A 124 7.09 -1.92 1.25
C LEU A 124 7.68 -0.64 0.66
N LEU A 125 8.22 -0.77 -0.54
CA LEU A 125 8.74 0.35 -1.31
C LEU A 125 8.36 0.14 -2.77
N VAL A 126 8.71 1.09 -3.64
CA VAL A 126 8.35 0.97 -5.05
C VAL A 126 9.19 1.86 -5.96
N ASN A 127 9.40 1.41 -7.20
CA ASN A 127 10.05 2.21 -8.23
C ASN A 127 9.08 2.44 -9.39
N ARG A 128 9.14 3.62 -9.98
CA ARG A 128 8.27 3.96 -11.11
C ARG A 128 8.56 3.08 -12.31
N LYS A 129 7.71 2.07 -12.52
CA LYS A 129 7.89 1.12 -13.61
C LYS A 129 6.54 0.53 -13.98
N ASP A 130 5.48 1.20 -13.55
CA ASP A 130 4.09 0.78 -13.79
C ASP A 130 3.71 -0.53 -13.05
N ALA A 131 4.71 -1.16 -12.43
CA ALA A 131 4.48 -2.40 -11.71
C ALA A 131 4.65 -2.23 -10.21
N MET A 132 3.53 -2.21 -9.49
CA MET A 132 3.58 -2.21 -8.03
C MET A 132 2.84 -3.41 -7.48
N TRP A 133 3.59 -4.36 -6.93
CA TRP A 133 3.03 -5.59 -6.40
C TRP A 133 2.96 -5.54 -4.88
N VAL A 134 1.83 -5.97 -4.31
CA VAL A 134 1.72 -6.02 -2.85
C VAL A 134 1.98 -7.42 -2.29
N PRO A 135 2.92 -7.52 -1.35
CA PRO A 135 3.29 -8.78 -0.69
C PRO A 135 2.44 -9.09 0.54
N CYS A 136 1.16 -9.40 0.33
CA CYS A 136 0.31 -9.89 1.40
C CYS A 136 -0.12 -11.33 1.10
N LEU A 137 0.59 -12.30 1.67
CA LEU A 137 0.42 -13.70 1.30
C LEU A 137 -0.79 -14.42 1.90
N VAL A 138 -1.45 -15.23 1.08
CA VAL A 138 -2.73 -15.83 1.43
C VAL A 138 -2.63 -17.32 1.74
N SER A 139 -3.18 -17.71 2.87
CA SER A 139 -3.23 -19.10 3.31
C SER A 139 -4.09 -20.01 2.41
N ILE A 140 -5.20 -19.46 1.93
CA ILE A 140 -6.16 -20.21 1.13
C ILE A 140 -6.16 -19.83 -0.35
N PRO A 141 -6.15 -20.85 -1.21
CA PRO A 141 -6.08 -20.64 -2.66
C PRO A 141 -7.27 -19.86 -3.24
N GLY A 142 -8.49 -20.14 -2.81
CA GLY A 142 -9.61 -19.38 -3.34
C GLY A 142 -10.25 -18.56 -2.24
N LEU A 143 -10.16 -17.26 -2.39
CA LEU A 143 -10.81 -16.34 -1.49
C LEU A 143 -11.37 -15.20 -2.33
N ASN A 144 -12.48 -14.62 -1.86
CA ASN A 144 -12.88 -13.30 -2.29
C ASN A 144 -12.28 -12.29 -1.30
N VAL A 145 -11.33 -11.48 -1.78
CA VAL A 145 -10.52 -10.59 -0.90
C VAL A 145 -10.22 -9.28 -1.60
N THR A 146 -10.22 -8.20 -0.84
CA THR A 146 -10.10 -6.86 -1.41
C THR A 146 -9.03 -6.11 -0.63
N LEU A 147 -8.31 -5.21 -1.29
CA LEU A 147 -7.29 -4.43 -0.60
C LEU A 147 -7.84 -3.05 -0.24
N ARG A 148 -7.75 -2.69 1.03
CA ARG A 148 -8.25 -1.37 1.48
C ARG A 148 -7.18 -0.54 2.14
N SER A 149 -7.41 0.77 2.24
CA SER A 149 -6.49 1.68 2.92
C SER A 149 -7.20 2.94 3.36
N GLN A 150 -6.45 4.03 3.47
CA GLN A 150 -7.01 5.32 3.82
C GLN A 150 -7.89 5.84 2.68
N SER A 151 -7.51 5.48 1.46
CA SER A 151 -8.23 5.93 0.27
C SER A 151 -9.18 4.86 -0.24
N SER A 152 -10.26 4.63 0.50
CA SER A 152 -11.29 3.65 0.15
C SER A 152 -10.74 2.23 -0.07
N VAL A 153 -11.54 1.39 -0.71
CA VAL A 153 -11.16 0.01 -1.00
C VAL A 153 -10.95 -0.19 -2.49
N LEU A 154 -9.98 -1.03 -2.84
CA LEU A 154 -9.60 -1.28 -4.24
C LEU A 154 -9.96 -2.71 -4.70
N TRP A 155 -10.99 -2.81 -5.53
CA TRP A 155 -11.52 -4.09 -5.99
C TRP A 155 -10.76 -4.62 -7.21
N PRO A 156 -10.32 -5.89 -7.14
CA PRO A 156 -9.62 -6.53 -8.27
C PRO A 156 -10.54 -7.24 -9.27
N ASP A 157 -10.49 -6.82 -10.53
CA ASP A 157 -11.32 -7.42 -11.57
C ASP A 157 -10.49 -8.02 -12.72
N GLY A 158 -9.22 -7.65 -12.80
CA GLY A 158 -8.29 -8.34 -13.69
C GLY A 158 -7.62 -7.59 -14.82
N GLN A 159 -8.07 -6.38 -15.13
CA GLN A 159 -7.54 -5.65 -16.27
C GLN A 159 -6.50 -4.59 -15.88
N GLU A 160 -6.84 -3.74 -14.93
CA GLU A 160 -5.93 -2.72 -14.45
C GLU A 160 -5.26 -3.20 -13.16
N VAL A 161 -6.09 -3.67 -12.24
CA VAL A 161 -5.61 -4.25 -10.99
C VAL A 161 -6.03 -5.71 -10.90
N VAL A 162 -5.09 -6.59 -10.56
CA VAL A 162 -5.34 -8.02 -10.60
C VAL A 162 -4.85 -8.77 -9.37
N TRP A 163 -5.70 -9.63 -8.84
CA TRP A 163 -5.37 -10.45 -7.68
C TRP A 163 -4.69 -11.76 -8.09
N ASP A 164 -3.74 -12.20 -7.27
CA ASP A 164 -3.03 -13.45 -7.51
C ASP A 164 -2.76 -14.18 -6.21
N ASP A 165 -3.29 -15.40 -6.12
CA ASP A 165 -3.20 -16.21 -4.90
C ASP A 165 -1.76 -16.56 -4.54
N ARG A 166 -0.90 -16.58 -5.54
CA ARG A 166 0.49 -16.99 -5.36
C ARG A 166 1.25 -16.10 -4.38
N ARG A 167 0.90 -14.82 -4.30
CA ARG A 167 1.64 -13.90 -3.44
C ARG A 167 0.83 -12.68 -2.99
N GLY A 168 -0.04 -12.17 -3.86
CA GLY A 168 -0.77 -10.96 -3.54
C GLY A 168 -1.39 -10.30 -4.76
N MET A 169 -1.65 -9.00 -4.66
CA MET A 169 -2.34 -8.28 -5.73
C MET A 169 -1.43 -7.33 -6.50
N LEU A 170 -1.73 -7.13 -7.78
CA LEU A 170 -0.91 -6.28 -8.63
C LEU A 170 -1.64 -4.99 -9.01
N VAL A 171 -0.99 -3.86 -8.77
CA VAL A 171 -1.58 -2.55 -9.04
C VAL A 171 -0.55 -1.64 -9.74
N SER A 172 -1.04 -0.79 -10.65
CA SER A 172 -0.19 0.18 -11.32
C SER A 172 0.26 1.25 -10.33
N THR A 173 1.52 1.68 -10.48
CA THR A 173 2.12 2.66 -9.57
C THR A 173 1.44 4.05 -9.46
N PRO A 174 1.18 4.72 -10.60
CA PRO A 174 0.79 6.12 -10.47
C PRO A 174 -0.60 6.30 -9.88
N LEU A 175 -1.39 5.23 -9.85
CA LEU A 175 -2.74 5.30 -9.27
C LEU A 175 -2.69 5.07 -7.76
N LEU A 176 -1.80 4.19 -7.32
CA LEU A 176 -1.66 3.91 -5.89
C LEU A 176 -0.77 4.92 -5.19
N HIS A 177 -0.12 5.77 -5.98
CA HIS A 177 0.67 6.86 -5.42
C HIS A 177 -0.14 7.71 -4.45
N ASP A 178 -1.44 7.85 -4.72
CA ASP A 178 -2.33 8.63 -3.88
C ASP A 178 -2.45 8.09 -2.45
N ALA A 179 -2.32 6.77 -2.29
CA ALA A 179 -2.45 6.14 -0.99
C ALA A 179 -1.11 6.10 -0.25
N LEU A 180 -1.18 6.11 1.09
CA LEU A 180 0.02 6.20 1.92
C LEU A 180 0.39 4.87 2.57
N TYR A 181 -0.63 4.10 2.96
CA TYR A 181 -0.41 2.76 3.49
C TYR A 181 -1.38 1.80 2.82
N LEU A 182 -1.19 0.51 3.03
CA LEU A 182 -2.10 -0.49 2.47
C LEU A 182 -2.31 -1.65 3.42
N GLN A 183 -3.49 -2.28 3.34
CA GLN A 183 -3.83 -3.38 4.23
C GLN A 183 -4.88 -4.28 3.59
N CYS A 184 -4.53 -5.55 3.37
CA CYS A 184 -5.44 -6.50 2.76
C CYS A 184 -6.61 -6.87 3.69
N GLU A 185 -7.81 -6.75 3.14
CA GLU A 185 -9.07 -7.04 3.85
C GLU A 185 -9.78 -8.28 3.29
N THR A 186 -10.27 -9.12 4.20
CA THR A 186 -10.84 -10.42 3.84
C THR A 186 -12.33 -10.56 4.20
N THR A 187 -12.88 -11.74 3.91
CA THR A 187 -14.28 -12.04 4.20
C THR A 187 -14.42 -13.34 4.98
N TRP A 188 -14.49 -13.25 6.30
CA TRP A 188 -14.63 -14.43 7.14
C TRP A 188 -15.62 -14.18 8.30
N GLN A 191 -15.34 -11.61 12.60
CA GLN A 191 -14.21 -12.50 12.32
C GLN A 191 -13.48 -12.07 11.05
N ASP A 192 -12.68 -11.01 11.16
CA ASP A 192 -11.95 -10.48 10.02
C ASP A 192 -10.46 -10.40 10.31
N PHE A 193 -9.64 -10.44 9.26
CA PHE A 193 -8.19 -10.39 9.41
C PHE A 193 -7.55 -9.35 8.49
N LEU A 194 -6.69 -8.51 9.05
CA LEU A 194 -6.06 -7.44 8.29
C LEU A 194 -4.53 -7.45 8.41
N SER A 195 -3.86 -7.76 7.31
CA SER A 195 -2.42 -7.55 7.20
C SER A 195 -2.16 -6.05 7.17
N ASN A 196 -0.90 -5.64 7.26
CA ASN A 196 -0.58 -4.22 7.26
C ASN A 196 0.85 -3.86 6.87
N PRO A 197 1.14 -3.79 5.56
CA PRO A 197 2.37 -3.16 5.09
C PRO A 197 2.15 -1.66 4.96
N PHE A 198 3.16 -0.92 4.48
CA PHE A 198 3.02 0.51 4.27
C PHE A 198 3.27 0.89 2.81
N LEU A 199 3.68 2.13 2.56
CA LEU A 199 4.00 2.56 1.19
C LEU A 199 4.89 3.80 1.14
N VAL A 200 5.97 3.70 0.37
CA VAL A 200 6.86 4.83 0.10
C VAL A 200 7.21 4.87 -1.38
N HIS A 201 6.90 5.98 -2.04
CA HIS A 201 7.09 6.10 -3.48
C HIS A 201 8.47 6.64 -3.86
N ILE A 202 8.86 6.40 -5.11
CA ILE A 202 10.13 6.90 -5.63
C ILE A 202 9.94 7.53 -7.00
N ASN B 15 0.75 -0.85 17.86
CA ASN B 15 0.22 -1.85 16.94
C ASN B 15 -1.09 -1.40 16.29
N THR B 16 -2.19 -2.05 16.70
CA THR B 16 -3.53 -1.72 16.20
C THR B 16 -3.89 -0.26 16.43
N GLU B 17 -4.11 0.09 17.69
CA GLU B 17 -4.50 1.44 18.10
C GLU B 17 -3.53 2.53 17.64
N ILE B 18 -2.25 2.19 17.56
CA ILE B 18 -1.29 3.15 17.05
C ILE B 18 -1.44 3.36 15.55
N LEU B 19 -1.60 2.30 14.77
CA LEU B 19 -1.84 2.50 13.33
C LEU B 19 -3.11 3.32 13.16
N LYS B 20 -4.08 3.07 14.05
CA LYS B 20 -5.37 3.74 14.02
C LYS B 20 -5.18 5.24 14.15
N SER B 21 -4.46 5.63 15.20
CA SER B 21 -4.27 7.03 15.49
C SER B 21 -3.42 7.69 14.40
N ILE B 22 -2.35 7.00 14.00
CA ILE B 22 -1.47 7.51 12.96
C ILE B 22 -2.25 7.82 11.68
N ASP B 23 -3.10 6.87 11.28
CA ASP B 23 -3.99 7.03 10.13
C ASP B 23 -4.94 8.21 10.34
N ASN B 24 -5.36 8.41 11.58
CA ASN B 24 -6.21 9.56 11.91
C ASN B 24 -5.47 10.88 11.77
N GLU B 25 -4.18 10.88 12.13
CA GLU B 25 -3.30 12.03 11.98
C GLU B 25 -3.13 12.37 10.52
N TRP B 26 -2.93 11.34 9.70
CA TRP B 26 -2.83 11.50 8.26
C TRP B 26 -4.12 12.16 7.77
N ARG B 27 -5.25 11.56 8.15
CA ARG B 27 -6.56 12.01 7.69
C ARG B 27 -6.72 13.50 8.03
N LYS B 28 -6.38 13.84 9.26
CA LYS B 28 -6.50 15.19 9.80
C LYS B 28 -5.53 16.19 9.17
N THR B 29 -4.44 15.69 8.58
CA THR B 29 -3.39 16.58 8.08
C THR B 29 -3.36 16.62 6.56
N GLN B 30 -4.36 16.02 5.93
CA GLN B 30 -4.42 15.90 4.47
C GLN B 30 -4.70 17.24 3.77
N CYS B 31 -4.27 17.30 2.51
CA CYS B 31 -4.51 18.42 1.60
C CYS B 31 -5.99 18.78 1.43
N MET B 32 -6.32 20.04 1.69
CA MET B 32 -7.69 20.54 1.53
C MET B 32 -7.78 22.07 1.72
N PRO B 33 -8.91 22.67 1.29
CA PRO B 33 -9.09 24.11 1.47
C PRO B 33 -9.22 24.47 2.94
N ARG B 34 -8.56 25.55 3.35
CA ARG B 34 -8.58 26.00 4.73
C ARG B 34 -8.75 27.51 4.78
N GLU B 35 -9.51 27.95 5.78
CA GLU B 35 -9.65 29.37 6.04
C GLU B 35 -8.29 29.95 6.44
N VAL B 36 -7.86 30.97 5.70
CA VAL B 36 -6.63 31.67 5.98
C VAL B 36 -6.89 33.16 5.90
N ALA B 37 -5.97 33.94 6.47
CA ALA B 37 -6.02 35.38 6.38
C ALA B 37 -5.08 35.94 5.32
N ILE B 38 -5.67 36.48 4.27
CA ILE B 38 -4.91 37.02 3.16
C ILE B 38 -4.73 38.52 3.33
N ASP B 39 -3.48 38.98 3.27
CA ASP B 39 -3.17 40.39 3.35
C ASP B 39 -3.51 41.01 2.01
N VAL B 40 -4.51 41.89 1.97
CA VAL B 40 -5.00 42.41 0.71
C VAL B 40 -3.91 43.11 -0.08
N GLY B 41 -3.28 44.12 0.53
CA GLY B 41 -2.23 44.86 -0.16
C GLY B 41 -1.22 43.92 -0.79
N LYS B 42 -0.78 42.93 -0.01
CA LYS B 42 0.21 41.97 -0.47
C LYS B 42 -0.35 41.02 -1.53
N GLU B 43 -1.67 40.83 -1.46
CA GLU B 43 -2.43 40.06 -2.44
C GLU B 43 -2.62 40.65 -3.84
N PHE B 44 -2.79 41.97 -3.93
CA PHE B 44 -2.63 42.64 -5.22
C PHE B 44 -1.33 43.42 -5.48
N GLY B 45 -0.54 43.64 -4.44
CA GLY B 45 0.80 44.18 -4.66
C GLY B 45 0.68 45.67 -4.96
N VAL B 46 0.05 46.40 -4.04
CA VAL B 46 -0.19 47.82 -4.24
C VAL B 46 0.97 48.69 -3.80
N ALA B 47 0.80 50.00 -3.93
CA ALA B 47 1.83 50.95 -3.55
C ALA B 47 2.16 50.86 -2.07
N THR B 48 3.42 51.10 -1.73
CA THR B 48 3.87 51.05 -0.34
C THR B 48 3.43 52.29 0.43
N ASN B 49 2.34 52.90 0.00
CA ASN B 49 1.79 54.07 0.67
C ASN B 49 0.29 53.92 0.96
N THR B 50 -0.20 52.69 0.85
CA THR B 50 -1.61 52.42 1.11
C THR B 50 -1.80 51.60 2.38
N PHE B 51 -2.78 51.97 3.19
CA PHE B 51 -3.26 51.06 4.22
C PHE B 51 -4.61 50.51 3.84
N PHE B 52 -4.81 49.22 4.06
CA PHE B 52 -6.14 48.63 3.90
C PHE B 52 -6.80 48.45 5.26
N LYS B 53 -8.10 48.76 5.33
CA LYS B 53 -8.85 48.50 6.56
C LYS B 53 -10.12 47.71 6.25
N PRO B 54 -10.18 46.45 6.73
CA PRO B 54 -9.13 45.79 7.52
C PRO B 54 -7.96 45.42 6.61
N PRO B 55 -6.75 45.20 7.13
CA PRO B 55 -5.64 44.86 6.23
C PRO B 55 -5.77 43.47 5.61
N CYS B 56 -6.50 42.59 6.27
CA CYS B 56 -6.58 41.21 5.81
C CYS B 56 -8.02 40.70 5.70
N VAL B 57 -8.25 39.70 4.86
CA VAL B 57 -9.59 39.11 4.77
C VAL B 57 -9.50 37.60 4.97
N SER B 58 -10.53 36.97 5.53
CA SER B 58 -10.56 35.53 5.71
C SER B 58 -11.17 34.88 4.49
N VAL B 59 -10.40 34.06 3.78
CA VAL B 59 -10.98 33.26 2.71
C VAL B 59 -10.44 31.86 2.76
N TYR B 60 -11.04 30.95 2.00
CA TYR B 60 -10.52 29.59 1.96
C TYR B 60 -9.58 29.44 0.78
N ARG B 61 -8.40 28.90 1.06
CA ARG B 61 -7.43 28.57 0.03
C ARG B 61 -6.93 27.14 0.21
N CYS B 62 -6.63 26.48 -0.91
CA CYS B 62 -6.05 25.14 -0.86
C CYS B 62 -4.75 25.11 -0.08
N GLY B 63 -4.68 24.23 0.91
CA GLY B 63 -3.48 24.09 1.71
C GLY B 63 -3.38 22.77 2.41
N GLY B 64 -2.17 22.47 2.94
CA GLY B 64 -1.92 21.19 3.59
C GLY B 64 -0.66 20.54 3.10
N CYS B 65 -0.43 19.29 3.51
CA CYS B 65 0.82 18.62 3.17
C CYS B 65 0.63 17.37 2.30
N CYS B 66 1.43 17.31 1.23
CA CYS B 66 1.50 16.17 0.34
C CYS B 66 2.53 15.17 0.86
N ASN B 67 2.44 13.90 0.39
CA ASN B 67 3.28 12.83 0.93
C ASN B 67 4.51 12.64 0.05
N SER B 68 4.53 13.39 -1.06
CA SER B 68 5.72 13.51 -1.89
C SER B 68 6.18 14.97 -1.85
N GLU B 69 7.42 15.22 -2.26
CA GLU B 69 7.93 16.59 -2.35
C GLU B 69 7.67 17.28 -3.69
N GLY B 70 7.80 16.54 -4.79
CA GLY B 70 7.61 17.10 -6.11
C GLY B 70 6.16 17.41 -6.45
N LEU B 71 5.25 16.98 -5.59
CA LEU B 71 3.84 17.28 -5.70
C LEU B 71 3.43 18.40 -4.74
N GLN B 72 2.66 19.37 -5.24
CA GLN B 72 2.39 20.59 -4.50
C GLN B 72 0.89 20.80 -4.57
N CYS B 73 0.30 21.17 -3.44
CA CYS B 73 -1.14 21.39 -3.35
C CYS B 73 -1.66 22.60 -4.09
N MET B 74 -2.44 22.40 -5.16
CA MET B 74 -2.95 23.46 -6.02
C MET B 74 -4.47 23.37 -6.17
N ASN B 75 -5.11 24.48 -6.58
CA ASN B 75 -6.56 24.50 -6.77
C ASN B 75 -7.01 23.90 -8.10
N THR B 76 -8.08 23.14 -8.05
CA THR B 76 -8.59 22.56 -9.29
C THR B 76 -9.91 23.22 -9.66
N SER B 77 -10.43 24.02 -8.73
CA SER B 77 -11.64 24.81 -8.97
C SER B 77 -11.71 25.94 -7.97
N THR B 78 -12.12 27.12 -8.42
CA THR B 78 -12.18 28.29 -7.55
C THR B 78 -13.50 29.05 -7.70
N SER B 79 -14.11 29.39 -6.57
CA SER B 79 -15.22 30.32 -6.53
C SER B 79 -14.71 31.72 -6.23
N TYR B 80 -15.54 32.75 -6.43
CA TYR B 80 -15.10 34.11 -6.12
C TYR B 80 -16.06 34.83 -5.19
N LEU B 81 -15.51 35.46 -4.15
CA LEU B 81 -16.32 36.12 -3.14
C LEU B 81 -16.16 37.64 -3.25
N SER B 82 -17.28 38.35 -3.41
CA SER B 82 -17.26 39.80 -3.29
C SER B 82 -17.18 40.24 -1.83
N LYS B 83 -16.21 41.10 -1.53
CA LYS B 83 -16.09 41.71 -0.22
C LYS B 83 -15.87 43.20 -0.39
N THR B 84 -16.37 44.00 0.56
CA THR B 84 -16.20 45.44 0.47
C THR B 84 -15.38 45.92 1.67
N LEU B 85 -14.31 46.67 1.41
CA LEU B 85 -13.61 47.31 2.53
C LEU B 85 -13.11 48.72 2.22
N PHE B 86 -12.32 49.28 3.13
CA PHE B 86 -11.87 50.65 2.95
C PHE B 86 -10.38 50.77 2.66
N GLU B 87 -10.00 51.77 1.87
CA GLU B 87 -8.61 51.97 1.49
C GLU B 87 -8.13 53.39 1.84
N ILE B 88 -7.15 53.49 2.73
CA ILE B 88 -6.55 54.78 3.04
C ILE B 88 -5.26 55.03 2.24
N THR B 89 -5.16 56.23 1.67
CA THR B 89 -4.04 56.61 0.83
C THR B 89 -3.29 57.68 1.64
N VAL B 90 -2.11 58.11 1.18
CA VAL B 90 -1.34 59.13 1.87
C VAL B 90 -0.71 60.06 0.82
N PRO B 91 -0.78 61.38 1.05
CA PRO B 91 -1.30 62.06 2.25
C PRO B 91 -2.81 61.95 2.37
N LEU B 92 -3.34 62.38 3.52
CA LEU B 92 -4.78 62.41 3.75
C LEU B 92 -5.44 63.48 2.90
N SER B 93 -5.33 63.36 1.58
CA SER B 93 -5.99 64.27 0.67
C SER B 93 -7.50 64.04 0.74
N GLN B 94 -7.92 62.80 0.63
CA GLN B 94 -9.34 62.48 0.72
C GLN B 94 -9.52 61.51 1.88
N GLY B 95 -10.77 61.15 2.17
CA GLY B 95 -11.04 60.19 3.22
C GLY B 95 -11.09 58.79 2.66
N PRO B 96 -11.20 57.79 3.54
CA PRO B 96 -11.32 56.38 3.16
C PRO B 96 -12.44 56.20 2.14
N LYS B 97 -12.16 55.54 1.03
CA LYS B 97 -13.21 55.30 0.05
C LYS B 97 -13.59 53.82 0.01
N PRO B 98 -14.88 53.53 -0.20
CA PRO B 98 -15.34 52.14 -0.25
C PRO B 98 -14.87 51.46 -1.53
N VAL B 99 -14.31 50.27 -1.41
CA VAL B 99 -13.91 49.51 -2.58
C VAL B 99 -14.47 48.09 -2.50
N THR B 100 -14.93 47.60 -3.65
CA THR B 100 -15.42 46.24 -3.80
C THR B 100 -14.35 45.40 -4.48
N ILE B 101 -14.01 44.26 -3.88
CA ILE B 101 -12.95 43.40 -4.37
C ILE B 101 -13.39 41.94 -4.36
N SER B 102 -12.96 41.18 -5.36
CA SER B 102 -13.27 39.76 -5.43
C SER B 102 -12.06 38.93 -5.00
N PHE B 103 -12.28 38.02 -4.06
CA PHE B 103 -11.21 37.15 -3.57
C PHE B 103 -11.48 35.71 -3.93
N ALA B 104 -10.41 34.98 -4.26
CA ALA B 104 -10.51 33.57 -4.56
C ALA B 104 -10.92 32.75 -3.34
N ASN B 105 -11.87 31.85 -3.55
CA ASN B 105 -12.31 30.90 -2.54
C ASN B 105 -12.18 29.51 -3.15
N HIS B 106 -11.03 28.89 -2.91
CA HIS B 106 -10.73 27.58 -3.48
C HIS B 106 -11.75 26.54 -3.04
N THR B 107 -12.25 25.76 -3.98
CA THR B 107 -13.30 24.78 -3.69
C THR B 107 -12.89 23.32 -3.90
N SER B 108 -11.73 23.09 -4.50
CA SER B 108 -11.19 21.75 -4.63
C SER B 108 -9.67 21.77 -4.88
N CYS B 109 -8.96 20.78 -4.36
CA CYS B 109 -7.51 20.79 -4.47
C CYS B 109 -6.91 19.43 -4.84
N ARG B 110 -5.73 19.47 -5.45
CA ARG B 110 -5.00 18.26 -5.80
C ARG B 110 -3.49 18.51 -5.76
N CYS B 111 -2.75 17.54 -5.26
CA CYS B 111 -1.30 17.56 -5.32
C CYS B 111 -0.82 17.40 -6.77
N MET B 112 -0.23 18.46 -7.31
CA MET B 112 0.21 18.46 -8.70
C MET B 112 1.68 18.88 -8.79
#